data_8VQQ
#
_entry.id   8VQQ
#
_cell.length_a   159.758
_cell.length_b   159.758
_cell.length_c   159.758
_cell.angle_alpha   90.00
_cell.angle_beta   90.00
_cell.angle_gamma   90.00
#
_symmetry.space_group_name_H-M   'I 21 3'
#
loop_
_entity.id
_entity.type
_entity.pdbx_description
1 polymer 'Hemagglutinin HA1 chain'
2 polymer 'Hemagglutinin HA2 chain'
3 branched beta-D-mannopyranose-(1-4)-2-acetamido-2-deoxy-beta-D-glucopyranose-(1-4)-2-acetamido-2-deoxy-beta-D-glucopyranose
4 non-polymer [2-chloranyl-4-[[[(3~{S})-3-(dimethylamino)pyrrolidin-1-yl]-fluoranyl-oxidanylidene-$l^{5}-sulfanyl]amino]phenyl]-[(2~{S})-2-phenylmorpholin-4-yl]methanone
5 non-polymer 2-acetamido-2-deoxy-beta-D-glucopyranose
6 water water
#
loop_
_entity_poly.entity_id
_entity_poly.type
_entity_poly.pdbx_seq_one_letter_code
_entity_poly.pdbx_strand_id
1 'polypeptide(L)'
;DTICIGYHANNSTDTVDTVLEKNVTVTHSVNLLEDSHNGKLCRLKGIAPLQLGKCNIAGWLLGNPECDPLLPVRSWSYIV
ETPNSENGICYPGDFIDYEELREQLSSVSSFERFEIFPKESSWPNHNTNGVTAACSHEGKSSFYRNLLWLTEKEGSYPKL
KNSYVNKKGKEVLVLWGIHHPPNSKEQQNLYQNENAYVSVVTSNYNRRFTPEIAERPKVRDQAGRMNYYWTLLKPGDTII
FEANGNLIAPMYAFALSRGFGSGIITSNASMHECNTKCQTPLGAINSSLPYQNIHPVTIGECPKYVRSAKLRMVTGLRNI
P
;
A
2 'polypeptide(L)'
;GLFGAIAGFIEGGWTGMIDGWYGYHHQNEQGSGYAADQKSTQNAINGITNKVNTVIEKMNIQFTAVGKEFNKLEKRMENL
NKKVDDGFLDIWTYNAELLVLLENERTLDFHDSNVKNLYEKVKSQLKNNAKEIGNGCFEFYHKCDNECMESVRNGTYDYP
KYSEESKLNREKVDGVKLESMGIYQILAIYSTVASSLVLLVSLGAISFWMCSNGSLQCRICI
;
B
#
loop_
_chem_comp.id
_chem_comp.type
_chem_comp.name
_chem_comp.formula
A1ADC non-polymer [2-chloranyl-4-[[[(3~{S})-3-(dimethylamino)pyrrolidin-1-yl]-fluoranyl-oxidanylidene-$l^{5}-sulfanyl]amino]phenyl]-[(2~{S})-2-phenylmorpholin-4-yl]methanone 'C23 H28 Cl F N4 O3 S'
BMA D-saccharide, beta linking beta-D-mannopyranose 'C6 H12 O6'
NAG D-saccharide, beta linking 2-acetamido-2-deoxy-beta-D-glucopyranose 'C8 H15 N O6'
#
# COMPACT_ATOMS: atom_id res chain seq x y z
N ASP A 1 -23.44 -45.13 -35.79
CA ASP A 1 -22.27 -44.30 -35.49
C ASP A 1 -22.70 -42.88 -35.13
N THR A 2 -22.09 -42.32 -34.08
CA THR A 2 -22.49 -40.99 -33.61
C THR A 2 -21.25 -40.15 -33.31
N ILE A 3 -21.42 -38.83 -33.41
CA ILE A 3 -20.43 -37.88 -32.94
C ILE A 3 -21.15 -36.76 -32.19
N CYS A 4 -20.55 -36.29 -31.09
CA CYS A 4 -21.20 -35.34 -30.20
C CYS A 4 -20.29 -34.15 -29.95
N ILE A 5 -20.91 -33.00 -29.72
CA ILE A 5 -20.23 -31.77 -29.35
C ILE A 5 -20.47 -31.53 -27.86
N GLY A 6 -19.41 -31.21 -27.13
CA GLY A 6 -19.52 -31.03 -25.69
C GLY A 6 -18.47 -30.09 -25.18
N TYR A 7 -18.47 -29.89 -23.87
CA TYR A 7 -17.57 -28.96 -23.23
C TYR A 7 -17.08 -29.55 -21.91
N HIS A 8 -16.04 -28.92 -21.37
CA HIS A 8 -15.32 -29.46 -20.22
C HIS A 8 -16.14 -29.30 -18.93
N ALA A 9 -15.94 -30.25 -18.02
CA ALA A 9 -16.45 -30.15 -16.66
C ALA A 9 -15.42 -30.80 -15.74
N ASN A 10 -15.44 -30.41 -14.46
CA ASN A 10 -14.50 -30.98 -13.50
C ASN A 10 -15.12 -30.90 -12.10
N ASN A 11 -14.29 -31.15 -11.09
CA ASN A 11 -14.73 -31.16 -9.70
C ASN A 11 -14.58 -29.81 -9.01
N SER A 12 -14.33 -28.75 -9.77
CA SER A 12 -14.11 -27.44 -9.16
C SER A 12 -15.37 -26.93 -8.48
N THR A 13 -15.19 -26.33 -7.30
CA THR A 13 -16.27 -25.70 -6.57
C THR A 13 -16.12 -24.18 -6.49
N ASP A 14 -15.26 -23.59 -7.33
CA ASP A 14 -15.08 -22.15 -7.33
C ASP A 14 -16.34 -21.46 -7.85
N THR A 15 -16.70 -20.35 -7.21
CA THR A 15 -17.89 -19.60 -7.60
C THR A 15 -17.49 -18.18 -7.97
N VAL A 16 -18.20 -17.61 -8.95
CA VAL A 16 -18.04 -16.22 -9.35
C VAL A 16 -19.43 -15.58 -9.44
N ASP A 17 -19.44 -14.26 -9.45
CA ASP A 17 -20.67 -13.50 -9.59
C ASP A 17 -20.68 -12.78 -10.93
N THR A 18 -21.87 -12.66 -11.51
CA THR A 18 -22.09 -11.89 -12.72
C THR A 18 -23.21 -10.88 -12.45
N VAL A 19 -23.48 -10.02 -13.45
CA VAL A 19 -24.56 -9.05 -13.27
C VAL A 19 -25.91 -9.76 -13.28
N LEU A 20 -26.05 -10.82 -14.08
CA LEU A 20 -27.31 -11.53 -14.20
C LEU A 20 -27.49 -12.64 -13.17
N GLU A 21 -26.40 -13.17 -12.61
CA GLU A 21 -26.48 -14.35 -11.77
C GLU A 21 -25.34 -14.38 -10.76
N LYS A 22 -25.63 -14.84 -9.54
CA LYS A 22 -24.64 -15.03 -8.50
C LYS A 22 -24.49 -16.51 -8.16
N ASN A 23 -23.40 -16.83 -7.47
CA ASN A 23 -23.04 -18.21 -7.10
C ASN A 23 -23.03 -19.12 -8.32
N VAL A 24 -22.33 -18.69 -9.36
CA VAL A 24 -22.12 -19.52 -10.55
C VAL A 24 -20.85 -20.35 -10.33
N THR A 25 -21.01 -21.67 -10.31
CA THR A 25 -19.87 -22.57 -10.20
C THR A 25 -19.18 -22.70 -11.55
N VAL A 26 -17.85 -22.53 -11.56
CA VAL A 26 -17.09 -22.46 -12.81
C VAL A 26 -15.92 -23.44 -12.74
N THR A 27 -15.48 -23.88 -13.93
CA THR A 27 -14.40 -24.86 -14.00
C THR A 27 -13.05 -24.25 -13.60
N HIS A 28 -12.76 -23.04 -14.06
CA HIS A 28 -11.50 -22.38 -13.73
C HIS A 28 -11.78 -20.91 -13.41
N SER A 29 -10.94 -20.35 -12.54
CA SER A 29 -11.11 -18.96 -12.12
C SER A 29 -9.77 -18.44 -11.60
N VAL A 30 -9.68 -17.12 -11.48
CA VAL A 30 -8.47 -16.44 -11.01
C VAL A 30 -8.87 -15.44 -9.92
N ASN A 31 -8.23 -15.53 -8.77
CA ASN A 31 -8.44 -14.56 -7.71
C ASN A 31 -7.60 -13.31 -7.99
N LEU A 32 -8.21 -12.14 -7.86
CA LEU A 32 -7.53 -10.88 -8.09
C LEU A 32 -7.29 -10.08 -6.82
N LEU A 33 -7.80 -10.54 -5.69
CA LEU A 33 -7.77 -9.79 -4.43
C LEU A 33 -6.81 -10.43 -3.45
N GLU A 34 -5.75 -9.71 -3.10
CA GLU A 34 -4.79 -10.21 -2.11
C GLU A 34 -5.31 -9.94 -0.71
N ASP A 35 -5.41 -11.00 0.10
CA ASP A 35 -5.91 -10.87 1.47
C ASP A 35 -4.96 -11.46 2.50
N SER A 36 -3.73 -11.79 2.14
CA SER A 36 -2.77 -12.43 3.03
C SER A 36 -1.57 -11.53 3.26
N HIS A 37 -1.13 -11.46 4.52
CA HIS A 37 0.10 -10.78 4.88
C HIS A 37 0.83 -11.63 5.92
N ASN A 38 2.13 -11.36 6.07
CA ASN A 38 2.96 -12.16 6.96
C ASN A 38 2.98 -11.66 8.40
N GLY A 39 2.35 -10.51 8.68
CA GLY A 39 2.25 -10.03 10.04
C GLY A 39 3.54 -9.51 10.66
N LYS A 40 4.53 -9.18 9.84
CA LYS A 40 5.83 -8.74 10.34
C LYS A 40 6.24 -7.45 9.64
N LEU A 41 7.12 -6.70 10.31
CA LEU A 41 7.79 -5.56 9.71
C LEU A 41 9.06 -6.04 9.04
N CYS A 42 9.19 -5.78 7.74
CA CYS A 42 10.29 -6.29 6.94
C CYS A 42 11.11 -5.15 6.37
N ARG A 43 12.29 -5.50 5.84
CA ARG A 43 13.05 -4.56 5.04
C ARG A 43 12.32 -4.30 3.73
N LEU A 44 12.39 -3.06 3.26
CA LEU A 44 11.70 -2.66 2.03
C LEU A 44 12.75 -2.41 0.96
N LYS A 45 12.75 -3.25 -0.08
CA LYS A 45 13.72 -3.16 -1.18
C LYS A 45 15.15 -3.17 -0.66
N GLY A 46 15.40 -3.98 0.38
CA GLY A 46 16.72 -4.17 0.91
C GLY A 46 17.16 -3.19 1.97
N ILE A 47 16.30 -2.29 2.41
CA ILE A 47 16.63 -1.27 3.40
C ILE A 47 15.69 -1.43 4.59
N ALA A 48 16.27 -1.48 5.79
CA ALA A 48 15.50 -1.63 7.02
C ALA A 48 14.86 -0.31 7.42
N PRO A 49 13.74 -0.36 8.15
CA PRO A 49 13.08 0.87 8.59
C PRO A 49 13.79 1.48 9.79
N LEU A 50 13.37 2.71 10.12
CA LEU A 50 13.80 3.40 11.34
C LEU A 50 12.68 3.24 12.36
N GLN A 51 12.94 2.45 13.41
CA GLN A 51 11.98 2.23 14.48
C GLN A 51 12.31 3.15 15.63
N LEU A 52 11.34 3.96 16.04
CA LEU A 52 11.55 4.94 17.10
C LEU A 52 11.32 4.37 18.49
N GLY A 53 10.85 3.13 18.60
CA GLY A 53 10.66 2.50 19.91
C GLY A 53 9.65 3.22 20.77
N LYS A 54 10.07 3.58 21.99
CA LYS A 54 9.21 4.30 22.92
C LYS A 54 8.98 5.75 22.51
N CYS A 55 9.80 6.31 21.62
CA CYS A 55 9.63 7.72 21.22
C CYS A 55 8.68 7.87 20.04
N ASN A 56 8.05 9.03 19.99
CA ASN A 56 7.39 9.48 18.78
C ASN A 56 8.35 10.38 18.01
N ILE A 57 7.87 11.03 16.95
CA ILE A 57 8.75 11.91 16.17
C ILE A 57 9.27 13.05 17.05
N ALA A 58 8.40 13.66 17.84
CA ALA A 58 8.81 14.78 18.69
C ALA A 58 9.87 14.37 19.70
N GLY A 59 9.68 13.22 20.36
CA GLY A 59 10.63 12.78 21.36
C GLY A 59 11.99 12.46 20.77
N TRP A 60 12.02 11.83 19.59
CA TRP A 60 13.30 11.50 18.97
C TRP A 60 14.05 12.75 18.54
N LEU A 61 13.35 13.71 17.93
CA LEU A 61 14.02 14.89 17.39
C LEU A 61 14.57 15.78 18.50
N LEU A 62 13.81 15.95 19.58
CA LEU A 62 14.27 16.75 20.71
C LEU A 62 15.27 16.00 21.58
N GLY A 63 15.28 14.67 21.51
CA GLY A 63 16.19 13.88 22.32
C GLY A 63 15.67 13.62 23.72
N ASN A 64 14.45 13.10 23.81
CA ASN A 64 13.90 12.70 25.10
C ASN A 64 14.81 11.65 25.74
N PRO A 65 15.25 11.85 26.98
CA PRO A 65 16.24 10.92 27.57
C PRO A 65 15.67 9.56 27.92
N GLU A 66 14.35 9.37 27.85
CA GLU A 66 13.80 8.07 28.20
C GLU A 66 13.84 7.06 27.07
N CYS A 67 14.28 7.45 25.88
CA CYS A 67 14.39 6.54 24.75
C CYS A 67 15.84 6.14 24.54
N ASP A 68 16.04 4.95 24.00
CA ASP A 68 17.38 4.47 23.73
C ASP A 68 18.05 5.35 22.67
N PRO A 69 19.26 5.85 22.93
CA PRO A 69 19.94 6.69 21.92
C PRO A 69 20.22 5.91 20.65
N LEU A 70 20.04 6.57 19.51
CA LEU A 70 20.29 5.97 18.22
C LEU A 70 21.73 6.19 17.79
N LEU A 71 22.15 5.44 16.78
CA LEU A 71 23.48 5.64 16.19
C LEU A 71 23.56 7.02 15.56
N PRO A 72 24.77 7.58 15.42
CA PRO A 72 24.88 8.94 14.84
C PRO A 72 24.33 9.06 13.43
N VAL A 73 24.45 8.03 12.61
CA VAL A 73 23.98 8.05 11.23
C VAL A 73 23.07 6.85 11.01
N ARG A 74 21.87 7.11 10.46
CA ARG A 74 20.93 6.06 10.10
C ARG A 74 20.37 6.33 8.71
N SER A 75 20.12 5.26 7.97
CA SER A 75 19.46 5.31 6.68
C SER A 75 18.34 4.29 6.68
N TRP A 76 17.17 4.68 6.17
CA TRP A 76 15.97 3.86 6.31
C TRP A 76 15.09 3.98 5.08
N SER A 77 14.09 3.12 5.02
CA SER A 77 13.09 3.14 3.96
C SER A 77 11.72 3.61 4.42
N TYR A 78 11.42 3.49 5.72
CA TYR A 78 10.20 4.04 6.30
C TYR A 78 10.39 4.13 7.81
N ILE A 79 9.53 4.93 8.44
CA ILE A 79 9.61 5.23 9.87
C ILE A 79 8.43 4.58 10.58
N VAL A 80 8.69 3.90 11.69
CA VAL A 80 7.65 3.21 12.46
C VAL A 80 7.51 3.87 13.82
N GLU A 81 6.29 4.24 14.16
CA GLU A 81 5.94 4.72 15.48
C GLU A 81 5.07 3.67 16.16
N THR A 82 5.29 3.47 17.45
CA THR A 82 4.42 2.57 18.19
C THR A 82 3.11 3.27 18.56
N PRO A 83 2.00 2.54 18.61
CA PRO A 83 0.71 3.19 18.91
C PRO A 83 0.63 3.81 20.30
N ASN A 84 1.47 3.38 21.23
CA ASN A 84 1.39 3.88 22.59
C ASN A 84 2.65 4.64 22.97
N SER A 85 3.13 5.53 22.09
CA SER A 85 4.38 6.24 22.33
C SER A 85 4.19 7.19 23.50
N GLU A 86 4.61 6.76 24.69
CA GLU A 86 4.48 7.59 25.88
C GLU A 86 5.55 8.68 25.94
N ASN A 87 6.70 8.45 25.32
CA ASN A 87 7.82 9.39 25.39
C ASN A 87 7.75 10.34 24.19
N GLY A 88 7.33 11.58 24.44
CA GLY A 88 7.35 12.61 23.44
C GLY A 88 7.95 13.88 24.01
N ILE A 89 7.21 14.97 23.95
CA ILE A 89 7.62 16.19 24.65
C ILE A 89 7.41 15.99 26.14
N CYS A 90 8.44 16.24 26.93
CA CYS A 90 8.34 16.04 28.38
C CYS A 90 8.12 17.32 29.17
N TYR A 91 8.63 18.46 28.70
CA TYR A 91 8.30 19.75 29.30
C TYR A 91 7.17 20.40 28.53
N PRO A 92 6.03 20.71 29.17
CA PRO A 92 4.83 21.07 28.41
C PRO A 92 4.99 22.35 27.61
N GLY A 93 4.32 22.39 26.47
CA GLY A 93 4.34 23.55 25.61
C GLY A 93 3.85 23.20 24.23
N ASP A 94 4.11 24.10 23.29
CA ASP A 94 3.65 23.98 21.91
C ASP A 94 4.83 23.67 20.99
N PHE A 95 4.66 22.67 20.12
CA PHE A 95 5.62 22.34 19.07
C PHE A 95 5.11 22.99 17.80
N ILE A 96 5.69 24.14 17.45
CA ILE A 96 5.17 24.95 16.36
C ILE A 96 5.45 24.26 15.02
N ASP A 97 4.41 24.15 14.19
CA ASP A 97 4.49 23.50 12.88
C ASP A 97 5.01 22.07 12.98
N TYR A 98 4.56 21.36 14.03
CA TYR A 98 5.00 19.98 14.22
C TYR A 98 4.54 19.08 13.09
N GLU A 99 3.30 19.25 12.63
CA GLU A 99 2.79 18.39 11.57
C GLU A 99 3.51 18.65 10.25
N GLU A 100 3.89 19.91 9.99
CA GLU A 100 4.68 20.21 8.81
C GLU A 100 6.05 19.55 8.88
N LEU A 101 6.66 19.50 10.07
CA LEU A 101 7.94 18.83 10.23
C LEU A 101 7.82 17.33 9.97
N ARG A 102 6.73 16.72 10.43
CA ARG A 102 6.48 15.31 10.15
C ARG A 102 6.37 15.06 8.64
N GLU A 103 5.72 15.98 7.93
CA GLU A 103 5.61 15.84 6.49
C GLU A 103 6.97 15.96 5.82
N GLN A 104 7.83 16.85 6.34
CA GLN A 104 9.18 16.94 5.80
C GLN A 104 9.95 15.64 6.01
N LEU A 105 9.83 15.05 7.20
CA LEU A 105 10.54 13.80 7.49
C LEU A 105 10.04 12.63 6.66
N SER A 106 8.84 12.72 6.09
CA SER A 106 8.32 11.65 5.27
C SER A 106 9.10 11.45 3.98
N SER A 107 9.86 12.45 3.54
CA SER A 107 10.70 12.35 2.35
C SER A 107 12.19 12.36 2.68
N VAL A 108 12.55 12.10 3.93
CA VAL A 108 13.93 12.03 4.36
C VAL A 108 14.33 10.56 4.44
N SER A 109 15.51 10.22 3.92
CA SER A 109 15.99 8.85 3.92
C SER A 109 17.19 8.60 4.80
N SER A 110 17.79 9.65 5.38
CA SER A 110 18.99 9.51 6.19
C SER A 110 19.17 10.76 7.05
N PHE A 111 19.78 10.57 8.22
CA PHE A 111 20.17 11.69 9.06
C PHE A 111 21.57 11.46 9.60
N GLU A 112 22.26 12.56 9.89
CA GLU A 112 23.51 12.55 10.64
C GLU A 112 23.34 13.50 11.82
N ARG A 113 23.40 12.95 13.03
CA ARG A 113 23.31 13.75 14.25
C ARG A 113 24.71 14.26 14.59
N PHE A 114 24.89 15.57 14.56
CA PHE A 114 26.18 16.20 14.81
C PHE A 114 26.02 17.38 15.75
N GLU A 115 27.09 17.70 16.46
CA GLU A 115 27.10 18.79 17.44
C GLU A 115 27.19 20.13 16.71
N ILE A 116 26.11 20.89 16.72
CA ILE A 116 26.11 22.19 16.06
C ILE A 116 26.76 23.24 16.95
N PHE A 117 26.42 23.25 18.25
CA PHE A 117 27.04 24.13 19.23
C PHE A 117 27.61 23.27 20.35
N PRO A 118 28.92 23.02 20.37
CA PRO A 118 29.49 22.15 21.41
C PRO A 118 29.19 22.68 22.81
N LYS A 119 28.92 21.74 23.72
CA LYS A 119 28.43 22.10 25.05
C LYS A 119 29.47 22.90 25.83
N GLU A 120 30.72 22.49 25.78
CA GLU A 120 31.77 23.09 26.61
C GLU A 120 32.61 24.10 25.85
N SER A 121 32.12 24.62 24.72
CA SER A 121 32.84 25.60 23.93
C SER A 121 32.00 26.80 23.49
N SER A 122 30.67 26.69 23.45
CA SER A 122 29.85 27.70 22.82
C SER A 122 29.31 28.76 23.78
N TRP A 123 29.14 28.43 25.06
CA TRP A 123 28.51 29.33 26.03
C TRP A 123 29.39 29.46 27.27
N PRO A 124 30.53 30.14 27.15
CA PRO A 124 31.44 30.23 28.31
C PRO A 124 30.92 31.10 29.45
N ASN A 125 29.98 32.01 29.19
CA ASN A 125 29.49 32.94 30.20
C ASN A 125 28.07 32.63 30.65
N HIS A 126 27.60 31.41 30.41
CA HIS A 126 26.25 31.02 30.81
C HIS A 126 26.30 29.63 31.45
N ASN A 127 25.34 29.36 32.32
CA ASN A 127 25.17 28.04 32.88
C ASN A 127 24.38 27.16 31.93
N THR A 128 24.87 25.94 31.68
CA THR A 128 24.26 25.03 30.72
C THR A 128 23.75 23.75 31.37
N ASN A 129 23.67 23.70 32.71
CA ASN A 129 23.40 22.47 33.44
C ASN A 129 21.94 22.32 33.85
N GLY A 130 21.06 23.21 33.39
CA GLY A 130 19.67 23.16 33.79
C GLY A 130 18.96 21.85 33.45
N VAL A 131 18.26 21.28 34.44
CA VAL A 131 17.51 20.05 34.25
C VAL A 131 16.15 20.22 34.93
N THR A 132 15.21 19.35 34.56
CA THR A 132 13.86 19.41 35.10
C THR A 132 13.38 18.00 35.44
N ALA A 133 12.47 17.94 36.42
CA ALA A 133 11.86 16.66 36.77
C ALA A 133 10.88 16.17 35.71
N ALA A 134 10.43 17.05 34.81
CA ALA A 134 9.52 16.61 33.76
C ALA A 134 10.22 15.68 32.77
N CYS A 135 11.48 15.95 32.45
CA CYS A 135 12.28 15.09 31.57
C CYS A 135 13.23 14.24 32.40
N SER A 136 12.63 13.33 33.17
CA SER A 136 13.40 12.49 34.08
C SER A 136 14.10 11.36 33.32
N HIS A 137 15.16 10.84 33.95
CA HIS A 137 15.89 9.69 33.41
C HIS A 137 16.45 8.90 34.58
N GLU A 138 16.08 7.61 34.66
CA GLU A 138 16.49 6.73 35.76
C GLU A 138 16.14 7.32 37.12
N GLY A 139 14.97 7.95 37.21
CA GLY A 139 14.52 8.52 38.47
C GLY A 139 15.17 9.84 38.84
N LYS A 140 16.03 10.39 37.99
CA LYS A 140 16.69 11.66 38.24
C LYS A 140 16.25 12.69 37.21
N SER A 141 16.27 13.96 37.62
CA SER A 141 15.94 15.04 36.72
C SER A 141 16.98 15.13 35.60
N SER A 142 16.51 15.40 34.38
CA SER A 142 17.40 15.45 33.23
C SER A 142 16.83 16.47 32.25
N PHE A 143 17.29 16.41 31.00
CA PHE A 143 16.85 17.34 29.98
C PHE A 143 17.06 16.68 28.62
N TYR A 144 16.55 17.35 27.58
CA TYR A 144 16.70 16.87 26.22
C TYR A 144 18.18 16.71 25.87
N ARG A 145 18.48 15.65 25.12
CA ARG A 145 19.87 15.39 24.75
C ARG A 145 20.37 16.34 23.66
N ASN A 146 19.45 16.87 22.84
CA ASN A 146 19.84 17.72 21.71
C ASN A 146 19.76 19.21 22.03
N LEU A 147 19.27 19.57 23.22
CA LEU A 147 19.09 20.96 23.60
C LEU A 147 19.81 21.25 24.92
N LEU A 148 20.02 22.54 25.19
CA LEU A 148 20.73 22.99 26.39
C LEU A 148 19.96 24.15 27.02
N TRP A 149 19.61 23.98 28.29
CA TRP A 149 18.89 25.02 29.03
C TRP A 149 19.89 26.04 29.55
N LEU A 150 19.97 27.19 28.89
CA LEU A 150 20.89 28.25 29.30
C LEU A 150 20.25 29.09 30.40
N THR A 151 21.00 29.30 31.48
CA THR A 151 20.57 30.15 32.59
C THR A 151 21.70 31.08 32.97
N GLU A 152 21.44 31.91 33.99
CA GLU A 152 22.41 32.91 34.42
C GLU A 152 23.65 32.24 35.03
N LYS A 153 24.78 32.93 34.91
CA LYS A 153 26.04 32.49 35.51
C LYS A 153 26.59 33.64 36.34
N GLU A 154 26.85 33.37 37.62
CA GLU A 154 27.37 34.36 38.57
C GLU A 154 26.47 35.59 38.64
N GLY A 155 25.16 35.36 38.65
CA GLY A 155 24.21 36.45 38.77
C GLY A 155 24.02 37.30 37.53
N SER A 156 24.58 36.88 36.40
CA SER A 156 24.48 37.66 35.17
C SER A 156 24.16 36.74 33.99
N TYR A 157 23.42 37.28 33.03
CA TYR A 157 23.08 36.60 31.79
C TYR A 157 23.50 37.50 30.64
N PRO A 158 24.75 37.41 30.18
CA PRO A 158 25.20 38.27 29.08
C PRO A 158 24.44 37.96 27.80
N LYS A 159 24.28 38.99 26.97
CA LYS A 159 23.62 38.81 25.68
C LYS A 159 24.46 37.90 24.80
N LEU A 160 23.97 36.70 24.52
CA LEU A 160 24.74 35.74 23.74
C LEU A 160 24.54 35.97 22.25
N LYS A 161 25.48 35.46 21.47
CA LYS A 161 25.41 35.58 20.01
C LYS A 161 26.28 34.48 19.43
N ASN A 162 25.65 33.50 18.78
CA ASN A 162 26.38 32.40 18.18
C ASN A 162 25.78 32.08 16.83
N SER A 163 26.63 31.56 15.94
CA SER A 163 26.22 31.26 14.58
C SER A 163 26.85 29.95 14.13
N TYR A 164 26.22 29.33 13.13
CA TYR A 164 26.72 28.13 12.50
C TYR A 164 26.56 28.25 10.99
N VAL A 165 27.61 27.85 10.25
CA VAL A 165 27.59 27.85 8.79
C VAL A 165 27.42 26.41 8.32
N ASN A 166 26.44 26.18 7.44
CA ASN A 166 26.14 24.83 6.96
C ASN A 166 27.17 24.43 5.90
N LYS A 167 28.14 23.61 6.29
CA LYS A 167 29.13 23.06 5.37
C LYS A 167 28.96 21.56 5.17
N LYS A 168 27.76 21.04 5.37
CA LYS A 168 27.48 19.61 5.22
C LYS A 168 27.06 19.23 3.81
N GLY A 169 26.73 20.20 2.96
CA GLY A 169 26.24 19.88 1.63
C GLY A 169 24.82 19.34 1.60
N LYS A 170 24.16 19.26 2.76
CA LYS A 170 22.77 18.83 2.86
C LYS A 170 22.04 19.78 3.79
N GLU A 171 20.71 19.76 3.72
CA GLU A 171 19.89 20.56 4.63
C GLU A 171 20.20 20.17 6.06
N VAL A 172 20.26 21.16 6.95
CA VAL A 172 20.49 20.92 8.37
C VAL A 172 19.24 21.34 9.13
N LEU A 173 18.65 20.39 9.85
CA LEU A 173 17.48 20.67 10.66
C LEU A 173 17.92 21.12 12.05
N VAL A 174 17.59 22.36 12.40
CA VAL A 174 17.96 22.95 13.68
C VAL A 174 16.70 23.11 14.50
N LEU A 175 16.74 22.67 15.76
CA LEU A 175 15.63 22.79 16.69
C LEU A 175 16.08 23.57 17.92
N TRP A 176 15.18 24.37 18.47
CA TRP A 176 15.45 25.12 19.69
C TRP A 176 14.14 25.33 20.43
N GLY A 177 14.24 25.89 21.63
CA GLY A 177 13.08 26.10 22.46
C GLY A 177 13.11 27.46 23.14
N ILE A 178 11.92 27.91 23.55
CA ILE A 178 11.77 29.16 24.28
C ILE A 178 11.00 28.86 25.57
N HIS A 179 11.58 29.26 26.70
CA HIS A 179 10.98 28.99 28.00
C HIS A 179 10.16 30.18 28.47
N HIS A 180 8.98 29.89 29.03
CA HIS A 180 8.09 30.90 29.58
C HIS A 180 7.83 30.61 31.05
N PRO A 181 8.54 31.27 31.97
CA PRO A 181 8.33 31.03 33.40
C PRO A 181 6.94 31.45 33.84
N PRO A 182 6.43 30.90 34.93
CA PRO A 182 5.07 31.25 35.38
C PRO A 182 4.96 32.55 36.18
N ASN A 183 6.09 33.14 36.57
CA ASN A 183 6.04 34.40 37.31
C ASN A 183 7.35 35.16 37.08
N SER A 184 7.31 36.45 37.39
CA SER A 184 8.46 37.31 37.13
C SER A 184 9.62 37.04 38.07
N LYS A 185 9.33 36.52 39.28
CA LYS A 185 10.41 36.17 40.20
C LYS A 185 11.30 35.09 39.62
N GLU A 186 10.71 34.06 39.00
CA GLU A 186 11.52 33.03 38.37
C GLU A 186 12.23 33.55 37.13
N GLN A 187 11.57 34.43 36.37
CA GLN A 187 12.20 34.99 35.17
C GLN A 187 13.47 35.75 35.52
N GLN A 188 13.43 36.55 36.59
CA GLN A 188 14.63 37.26 37.02
C GLN A 188 15.68 36.30 37.58
N ASN A 189 15.24 35.24 38.27
CA ASN A 189 16.20 34.30 38.84
C ASN A 189 16.97 33.56 37.77
N LEU A 190 16.29 33.08 36.73
CA LEU A 190 16.94 32.25 35.73
C LEU A 190 17.73 33.08 34.72
N TYR A 191 17.20 34.24 34.33
CA TYR A 191 17.73 34.98 33.20
C TYR A 191 18.11 36.42 33.48
N GLN A 192 17.81 36.95 34.67
CA GLN A 192 18.27 38.23 35.19
C GLN A 192 17.70 39.43 34.44
N ASN A 193 16.93 39.22 33.38
CA ASN A 193 16.34 40.31 32.61
C ASN A 193 14.85 40.04 32.45
N GLU A 194 14.03 41.09 32.62
CA GLU A 194 12.59 40.94 32.48
C GLU A 194 12.13 41.15 31.04
N ASN A 195 12.71 42.13 30.33
CA ASN A 195 12.37 42.38 28.94
C ASN A 195 13.30 41.63 27.99
N ALA A 196 13.44 40.33 28.22
CA ALA A 196 14.35 39.51 27.42
C ALA A 196 13.74 39.22 26.05
N TYR A 197 14.61 38.81 25.13
CA TYR A 197 14.17 38.43 23.79
C TYR A 197 15.13 37.38 23.24
N VAL A 198 14.65 36.63 22.25
CA VAL A 198 15.46 35.69 21.49
C VAL A 198 15.27 36.00 20.03
N SER A 199 16.37 36.02 19.28
CA SER A 199 16.33 36.25 17.84
C SER A 199 17.03 35.09 17.13
N VAL A 200 16.38 34.56 16.10
CA VAL A 200 16.94 33.52 15.24
C VAL A 200 16.76 33.96 13.80
N VAL A 201 17.85 34.01 13.03
CA VAL A 201 17.81 34.49 11.65
C VAL A 201 18.67 33.61 10.77
N THR A 202 18.16 33.32 9.57
CA THR A 202 18.95 32.78 8.46
C THR A 202 18.71 33.64 7.22
N SER A 203 19.12 33.14 6.04
CA SER A 203 18.86 33.88 4.81
C SER A 203 17.37 33.93 4.46
N ASN A 204 16.59 32.92 4.89
CA ASN A 204 15.17 32.85 4.58
C ASN A 204 14.28 32.71 5.81
N TYR A 205 14.84 32.74 7.02
CA TYR A 205 14.09 32.64 8.26
C TYR A 205 14.42 33.86 9.12
N ASN A 206 13.39 34.45 9.73
CA ASN A 206 13.57 35.66 10.52
C ASN A 206 12.44 35.75 11.53
N ARG A 207 12.72 35.36 12.78
CA ARG A 207 11.71 35.37 13.82
C ARG A 207 12.29 35.85 15.14
N ARG A 208 11.48 36.58 15.90
CA ARG A 208 11.84 37.10 17.21
C ARG A 208 10.85 36.58 18.25
N PHE A 209 11.37 36.14 19.39
CA PHE A 209 10.56 35.52 20.44
C PHE A 209 10.68 36.33 21.71
N THR A 210 9.57 36.45 22.43
CA THR A 210 9.49 37.24 23.65
C THR A 210 8.71 36.42 24.68
N PRO A 211 9.21 36.31 25.92
CA PRO A 211 8.49 35.53 26.94
C PRO A 211 7.17 36.19 27.31
N GLU A 212 6.20 35.33 27.64
CA GLU A 212 4.87 35.77 28.06
C GLU A 212 4.57 35.11 29.40
N ILE A 213 4.64 35.89 30.47
CA ILE A 213 4.68 35.36 31.83
C ILE A 213 3.29 35.42 32.44
N ALA A 214 2.82 34.28 32.96
CA ALA A 214 1.52 34.19 33.62
C ALA A 214 1.44 32.85 34.34
N GLU A 215 0.60 32.81 35.38
CA GLU A 215 0.32 31.55 36.06
C GLU A 215 -0.53 30.66 35.17
N ARG A 216 -0.18 29.38 35.11
CA ARG A 216 -0.85 28.44 34.23
C ARG A 216 -1.18 27.15 34.96
N PRO A 217 -2.18 26.41 34.50
CA PRO A 217 -2.44 25.09 35.10
C PRO A 217 -1.23 24.17 34.96
N LYS A 218 -1.03 23.34 35.97
CA LYS A 218 0.11 22.43 35.99
C LYS A 218 -0.06 21.32 34.96
N VAL A 219 0.92 21.18 34.08
CA VAL A 219 0.99 20.08 33.12
C VAL A 219 2.30 19.35 33.37
N ARG A 220 2.22 18.07 33.72
CA ARG A 220 3.38 17.31 34.16
C ARG A 220 4.07 18.03 35.32
N ASP A 221 3.26 18.59 36.21
CA ASP A 221 3.71 19.29 37.42
C ASP A 221 4.53 20.53 37.11
N GLN A 222 4.34 21.12 35.94
CA GLN A 222 5.06 22.34 35.56
C GLN A 222 4.04 23.42 35.18
N ALA A 223 4.12 24.56 35.88
CA ALA A 223 3.32 25.72 35.49
C ALA A 223 3.99 26.54 34.40
N GLY A 224 5.28 26.32 34.13
CA GLY A 224 5.92 26.96 33.00
C GLY A 224 5.61 26.25 31.70
N ARG A 225 6.03 26.87 30.60
CA ARG A 225 5.86 26.32 29.27
C ARG A 225 7.16 26.46 28.48
N MET A 226 7.35 25.55 27.53
CA MET A 226 8.46 25.62 26.58
C MET A 226 7.90 25.46 25.18
N ASN A 227 8.11 26.45 24.33
CA ASN A 227 7.68 26.39 22.94
C ASN A 227 8.86 25.96 22.08
N TYR A 228 8.61 25.02 21.17
CA TYR A 228 9.65 24.41 20.35
C TYR A 228 9.51 24.87 18.92
N TYR A 229 10.62 25.26 18.31
CA TYR A 229 10.66 25.78 16.95
C TYR A 229 11.75 25.07 16.17
N TRP A 230 11.64 25.11 14.85
CA TRP A 230 12.59 24.46 13.98
C TRP A 230 12.68 25.20 12.66
N THR A 231 13.77 24.97 11.94
CA THR A 231 13.91 25.47 10.57
C THR A 231 14.91 24.58 9.84
N LEU A 232 14.80 24.57 8.52
CA LEU A 232 15.72 23.83 7.66
C LEU A 232 16.77 24.78 7.13
N LEU A 233 18.03 24.59 7.54
CA LEU A 233 19.13 25.46 7.12
C LEU A 233 19.69 24.96 5.80
N LYS A 234 19.56 25.78 4.75
CA LYS A 234 19.97 25.37 3.42
C LYS A 234 21.48 25.20 3.35
N PRO A 235 21.97 24.35 2.45
CA PRO A 235 23.42 24.18 2.31
C PRO A 235 24.09 25.52 2.03
N GLY A 236 25.18 25.78 2.75
CA GLY A 236 25.94 27.00 2.59
C GLY A 236 25.41 28.21 3.33
N ASP A 237 24.27 28.09 4.01
CA ASP A 237 23.66 29.21 4.71
C ASP A 237 24.09 29.24 6.17
N THR A 238 23.90 30.40 6.79
CA THR A 238 24.27 30.63 8.18
C THR A 238 23.01 30.88 9.01
N ILE A 239 23.00 30.35 10.22
CA ILE A 239 21.95 30.64 11.20
C ILE A 239 22.60 31.36 12.37
N ILE A 240 21.96 32.43 12.85
CA ILE A 240 22.47 33.23 13.96
C ILE A 240 21.45 33.21 15.08
N PHE A 241 21.90 32.87 16.29
CA PHE A 241 21.08 32.94 17.49
C PHE A 241 21.52 34.13 18.34
N GLU A 242 20.57 34.97 18.72
CA GLU A 242 20.83 36.09 19.61
C GLU A 242 19.77 36.11 20.70
N ALA A 243 20.21 36.15 21.95
CA ALA A 243 19.25 36.17 23.06
C ALA A 243 19.91 36.77 24.30
N ASN A 244 19.07 37.34 25.17
CA ASN A 244 19.47 37.72 26.52
C ASN A 244 18.63 37.03 27.57
N GLY A 245 17.99 35.91 27.22
CA GLY A 245 17.26 35.10 28.16
C GLY A 245 16.35 34.12 27.46
N ASN A 246 15.86 33.14 28.24
CA ASN A 246 14.78 32.24 27.88
C ASN A 246 15.07 31.35 26.67
N LEU A 247 16.30 31.35 26.17
CA LEU A 247 16.64 30.52 25.01
C LEU A 247 17.01 29.12 25.47
N ILE A 248 16.37 28.12 24.87
CA ILE A 248 16.76 26.71 25.02
C ILE A 248 17.60 26.39 23.79
N ALA A 249 18.90 26.55 23.92
CA ALA A 249 19.79 26.58 22.77
C ALA A 249 19.91 25.21 22.13
N PRO A 250 20.13 25.16 20.81
CA PRO A 250 20.44 23.88 20.17
C PRO A 250 21.86 23.44 20.49
N MET A 251 22.01 22.13 20.64
CA MET A 251 23.33 21.52 20.79
C MET A 251 23.63 20.50 19.71
N TYR A 252 22.66 19.69 19.31
CA TYR A 252 22.81 18.74 18.21
C TYR A 252 21.80 19.09 17.13
N ALA A 253 22.25 19.04 15.87
CA ALA A 253 21.39 19.22 14.71
C ALA A 253 21.47 17.99 13.82
N PHE A 254 20.64 17.96 12.79
CA PHE A 254 20.53 16.81 11.89
C PHE A 254 20.78 17.26 10.46
N ALA A 255 21.76 16.65 9.80
CA ALA A 255 21.95 16.82 8.37
C ALA A 255 21.13 15.75 7.65
N LEU A 256 20.22 16.17 6.78
CA LEU A 256 19.19 15.30 6.23
C LEU A 256 19.43 15.04 4.75
N SER A 257 19.20 13.79 4.34
CA SER A 257 19.23 13.39 2.94
C SER A 257 17.81 13.11 2.46
N ARG A 258 17.52 13.49 1.22
CA ARG A 258 16.19 13.36 0.65
C ARG A 258 16.07 12.08 -0.16
N GLY A 259 14.93 11.41 -0.03
CA GLY A 259 14.67 10.18 -0.76
C GLY A 259 13.26 10.09 -1.31
N PHE A 260 12.90 8.94 -1.86
CA PHE A 260 11.60 8.77 -2.51
C PHE A 260 10.89 7.52 -1.97
N GLY A 261 9.57 7.61 -1.91
CA GLY A 261 8.76 6.45 -1.56
C GLY A 261 8.68 6.14 -0.08
N SER A 262 9.21 7.00 0.78
CA SER A 262 9.19 6.76 2.22
C SER A 262 7.92 7.34 2.85
N GLY A 263 7.73 7.03 4.13
CA GLY A 263 6.59 7.54 4.87
C GLY A 263 6.69 7.12 6.32
N ILE A 264 5.72 7.59 7.11
CA ILE A 264 5.63 7.27 8.53
C ILE A 264 4.37 6.45 8.76
N ILE A 265 4.50 5.35 9.50
CA ILE A 265 3.36 4.49 9.82
C ILE A 265 3.38 4.18 11.30
N THR A 266 2.22 3.78 11.81
CA THR A 266 2.06 3.35 13.19
C THR A 266 1.75 1.86 13.19
N SER A 267 2.52 1.10 13.96
CA SER A 267 2.35 -0.35 13.95
C SER A 267 2.93 -0.93 15.22
N ASN A 268 2.28 -1.98 15.73
CA ASN A 268 2.79 -2.74 16.86
C ASN A 268 3.46 -4.04 16.44
N ALA A 269 3.62 -4.26 15.13
CA ALA A 269 4.29 -5.47 14.67
C ALA A 269 5.79 -5.39 14.95
N SER A 270 6.45 -6.54 14.91
CA SER A 270 7.86 -6.63 15.25
C SER A 270 8.71 -6.76 13.99
N MET A 271 9.93 -6.22 14.07
CA MET A 271 10.87 -6.33 12.96
C MET A 271 11.38 -7.76 12.84
N HIS A 272 11.49 -8.24 11.61
CA HIS A 272 11.96 -9.59 11.33
C HIS A 272 13.00 -9.56 10.23
N GLU A 273 13.76 -10.64 10.12
CA GLU A 273 14.78 -10.78 9.08
C GLU A 273 14.08 -11.25 7.79
N CYS A 274 13.40 -10.31 7.13
CA CYS A 274 12.67 -10.58 5.91
C CYS A 274 12.80 -9.37 4.99
N ASN A 275 12.51 -9.59 3.71
CA ASN A 275 12.53 -8.54 2.71
C ASN A 275 11.22 -8.54 1.94
N THR A 276 10.73 -7.34 1.60
CA THR A 276 9.45 -7.20 0.91
C THR A 276 9.52 -6.03 -0.06
N LYS A 277 8.60 -6.06 -1.03
CA LYS A 277 8.37 -4.91 -1.89
C LYS A 277 7.17 -4.07 -1.44
N CYS A 278 6.37 -4.59 -0.50
CA CYS A 278 5.16 -3.92 -0.06
C CYS A 278 5.00 -4.14 1.44
N GLN A 279 4.84 -3.05 2.18
CA GLN A 279 4.70 -3.09 3.64
C GLN A 279 3.47 -2.31 4.06
N THR A 280 2.65 -2.93 4.90
CA THR A 280 1.50 -2.30 5.54
C THR A 280 1.72 -2.31 7.06
N PRO A 281 0.98 -1.50 7.81
CA PRO A 281 1.14 -1.53 9.28
C PRO A 281 0.80 -2.88 9.89
N LEU A 282 0.02 -3.72 9.21
CA LEU A 282 -0.29 -5.04 9.73
C LEU A 282 0.74 -6.10 9.33
N GLY A 283 1.42 -5.90 8.20
CA GLY A 283 2.38 -6.87 7.74
C GLY A 283 2.75 -6.60 6.30
N ALA A 284 3.67 -7.43 5.81
CA ALA A 284 4.19 -7.30 4.45
C ALA A 284 3.37 -8.15 3.48
N ILE A 285 3.29 -7.69 2.24
CA ILE A 285 2.53 -8.33 1.17
C ILE A 285 3.49 -8.79 0.08
N ASN A 286 3.42 -10.07 -0.27
CA ASN A 286 4.16 -10.64 -1.40
C ASN A 286 3.14 -11.11 -2.43
N SER A 287 2.87 -10.28 -3.43
CA SER A 287 1.79 -10.58 -4.37
C SER A 287 1.97 -9.77 -5.65
N SER A 288 1.51 -10.35 -6.75
CA SER A 288 1.38 -9.65 -8.03
C SER A 288 -0.06 -9.30 -8.36
N LEU A 289 -0.99 -9.51 -7.43
CA LEU A 289 -2.39 -9.24 -7.69
C LEU A 289 -2.66 -7.74 -7.75
N PRO A 290 -3.66 -7.31 -8.52
CA PRO A 290 -3.90 -5.87 -8.67
C PRO A 290 -4.59 -5.21 -7.48
N TYR A 291 -5.32 -5.96 -6.65
CA TYR A 291 -6.05 -5.40 -5.53
C TYR A 291 -5.68 -6.11 -4.23
N GLN A 292 -5.87 -5.40 -3.12
CA GLN A 292 -5.72 -5.99 -1.79
C GLN A 292 -6.76 -5.36 -0.86
N ASN A 293 -7.13 -6.09 0.18
CA ASN A 293 -8.09 -5.59 1.17
C ASN A 293 -7.51 -5.65 2.58
N ILE A 294 -6.19 -5.54 2.70
CA ILE A 294 -5.54 -5.70 4.00
C ILE A 294 -5.49 -4.39 4.78
N HIS A 295 -5.00 -3.31 4.15
CA HIS A 295 -4.88 -2.03 4.84
C HIS A 295 -4.75 -0.92 3.82
N PRO A 296 -5.36 0.24 4.05
CA PRO A 296 -5.22 1.36 3.09
C PRO A 296 -3.85 2.02 3.13
N VAL A 297 -3.08 1.85 4.19
CA VAL A 297 -1.76 2.46 4.31
C VAL A 297 -0.73 1.48 3.78
N THR A 298 0.02 1.90 2.77
CA THR A 298 0.98 1.04 2.08
C THR A 298 2.26 1.81 1.80
N ILE A 299 3.38 1.10 1.86
CA ILE A 299 4.68 1.64 1.49
C ILE A 299 5.33 0.70 0.49
N GLY A 300 5.81 1.24 -0.62
CA GLY A 300 6.42 0.44 -1.67
C GLY A 300 5.50 0.23 -2.86
N GLU A 301 5.82 -0.81 -3.63
CA GLU A 301 5.01 -1.20 -4.78
C GLU A 301 3.94 -2.18 -4.31
N CYS A 302 2.71 -1.71 -4.24
CA CYS A 302 1.63 -2.41 -3.57
C CYS A 302 0.41 -2.54 -4.47
N PRO A 303 -0.43 -3.54 -4.22
CA PRO A 303 -1.74 -3.57 -4.87
C PRO A 303 -2.64 -2.47 -4.36
N LYS A 304 -3.65 -2.14 -5.18
CA LYS A 304 -4.60 -1.08 -4.83
C LYS A 304 -5.56 -1.55 -3.75
N TYR A 305 -5.72 -0.75 -2.70
CA TYR A 305 -6.63 -1.09 -1.62
C TYR A 305 -8.07 -0.86 -2.05
N VAL A 306 -8.94 -1.84 -1.79
CA VAL A 306 -10.38 -1.74 -2.03
C VAL A 306 -11.10 -2.32 -0.81
N ARG A 307 -12.38 -1.95 -0.67
CA ARG A 307 -13.20 -2.44 0.44
C ARG A 307 -13.79 -3.82 0.19
N SER A 308 -13.60 -4.38 -0.99
CA SER A 308 -14.29 -5.61 -1.37
C SER A 308 -13.80 -6.82 -0.57
N ALA A 309 -14.69 -7.79 -0.38
CA ALA A 309 -14.32 -9.05 0.25
C ALA A 309 -13.90 -10.12 -0.76
N LYS A 310 -14.37 -10.02 -2.01
CA LYS A 310 -14.07 -11.04 -3.00
C LYS A 310 -14.01 -10.39 -4.38
N LEU A 311 -12.97 -10.73 -5.15
CA LEU A 311 -12.83 -10.25 -6.53
C LEU A 311 -12.23 -11.41 -7.35
N ARG A 312 -13.10 -12.22 -7.93
CA ARG A 312 -12.70 -13.43 -8.65
C ARG A 312 -13.21 -13.37 -10.08
N MET A 313 -12.31 -13.51 -11.04
CA MET A 313 -12.68 -13.49 -12.45
C MET A 313 -12.70 -14.92 -12.97
N VAL A 314 -13.80 -15.31 -13.62
CA VAL A 314 -13.86 -16.63 -14.22
C VAL A 314 -12.99 -16.65 -15.47
N THR A 315 -12.21 -17.73 -15.61
CA THR A 315 -11.50 -18.00 -16.86
C THR A 315 -12.10 -19.16 -17.63
N GLY A 316 -12.65 -20.16 -16.94
CA GLY A 316 -13.25 -21.32 -17.57
C GLY A 316 -14.73 -21.17 -17.83
N LEU A 317 -15.43 -22.30 -17.89
CA LEU A 317 -16.84 -22.36 -18.25
C LEU A 317 -17.69 -22.59 -17.01
N ARG A 318 -19.00 -22.44 -17.19
CA ARG A 318 -19.94 -22.92 -16.18
C ARG A 318 -19.75 -24.41 -16.00
N ASN A 319 -19.66 -24.85 -14.75
CA ASN A 319 -19.31 -26.24 -14.42
C ASN A 319 -20.58 -27.04 -14.19
N ILE A 320 -20.90 -27.93 -15.13
CA ILE A 320 -22.10 -28.77 -15.04
C ILE A 320 -21.73 -30.23 -15.23
N PRO A 321 -21.22 -30.92 -14.19
CA PRO A 321 -20.94 -32.35 -14.29
C PRO A 321 -22.19 -33.19 -14.04
N GLY B 1 -27.38 -19.51 -21.36
CA GLY B 1 -26.50 -18.44 -21.81
C GLY B 1 -27.07 -17.69 -23.00
N LEU B 2 -26.31 -16.71 -23.50
CA LEU B 2 -26.79 -15.89 -24.61
C LEU B 2 -26.91 -16.68 -25.90
N PHE B 3 -26.05 -17.67 -26.10
CA PHE B 3 -26.04 -18.43 -27.34
C PHE B 3 -26.71 -19.79 -27.23
N GLY B 4 -27.23 -20.14 -26.05
CA GLY B 4 -28.11 -21.28 -25.90
C GLY B 4 -27.46 -22.65 -25.92
N ALA B 5 -26.13 -22.74 -25.95
CA ALA B 5 -25.47 -24.04 -26.01
C ALA B 5 -25.20 -24.59 -24.61
N ILE B 6 -24.39 -23.88 -23.83
CA ILE B 6 -24.05 -24.34 -22.49
C ILE B 6 -25.26 -24.19 -21.59
N ALA B 7 -25.60 -25.26 -20.88
CA ALA B 7 -26.81 -25.34 -20.06
C ALA B 7 -28.07 -25.12 -20.89
N GLY B 8 -27.98 -25.30 -22.20
CA GLY B 8 -29.11 -25.15 -23.10
C GLY B 8 -29.41 -26.44 -23.83
N PHE B 9 -29.23 -26.47 -25.15
CA PHE B 9 -29.47 -27.72 -25.87
C PHE B 9 -28.34 -28.73 -25.65
N ILE B 10 -27.22 -28.33 -25.04
CA ILE B 10 -26.22 -29.25 -24.53
C ILE B 10 -26.29 -29.15 -23.01
N GLU B 11 -26.94 -30.12 -22.38
CA GLU B 11 -27.38 -29.98 -20.99
C GLU B 11 -26.20 -29.88 -20.01
N GLY B 12 -25.20 -30.74 -20.16
CA GLY B 12 -24.14 -30.82 -19.18
C GLY B 12 -22.77 -30.97 -19.81
N GLY B 13 -21.74 -30.81 -18.96
CA GLY B 13 -20.37 -30.93 -19.41
C GLY B 13 -19.82 -32.33 -19.25
N TRP B 14 -18.59 -32.51 -19.75
CA TRP B 14 -17.92 -33.81 -19.79
C TRP B 14 -16.74 -33.80 -18.84
N THR B 15 -16.87 -34.53 -17.73
CA THR B 15 -15.70 -34.72 -16.86
C THR B 15 -14.64 -35.58 -17.52
N GLY B 16 -15.02 -36.42 -18.50
CA GLY B 16 -14.08 -37.29 -19.18
C GLY B 16 -13.21 -36.61 -20.21
N MET B 17 -13.49 -35.35 -20.55
CA MET B 17 -12.65 -34.58 -21.47
C MET B 17 -11.80 -33.62 -20.64
N ILE B 18 -10.55 -34.01 -20.41
CA ILE B 18 -9.66 -33.24 -19.53
C ILE B 18 -8.63 -32.42 -20.31
N ASP B 19 -8.53 -32.60 -21.62
CA ASP B 19 -7.49 -31.97 -22.42
C ASP B 19 -7.91 -30.66 -23.08
N GLY B 20 -9.13 -30.19 -22.83
CA GLY B 20 -9.57 -28.96 -23.47
C GLY B 20 -10.91 -28.49 -22.94
N TRP B 21 -11.28 -27.28 -23.36
CA TRP B 21 -12.55 -26.70 -22.94
C TRP B 21 -13.70 -27.17 -23.82
N TYR B 22 -13.44 -27.38 -25.11
CA TYR B 22 -14.44 -27.84 -26.06
C TYR B 22 -13.87 -29.00 -26.85
N GLY B 23 -14.73 -29.91 -27.27
CA GLY B 23 -14.25 -31.06 -28.01
C GLY B 23 -15.37 -31.96 -28.48
N TYR B 24 -15.01 -33.19 -28.82
CA TYR B 24 -15.91 -34.14 -29.45
C TYR B 24 -15.89 -35.46 -28.69
N HIS B 25 -17.03 -36.15 -28.72
CA HIS B 25 -17.11 -37.55 -28.31
C HIS B 25 -17.69 -38.33 -29.48
N HIS B 26 -17.05 -39.44 -29.82
CA HIS B 26 -17.43 -40.25 -30.97
C HIS B 26 -17.71 -41.68 -30.54
N GLN B 27 -18.49 -42.37 -31.36
CA GLN B 27 -18.84 -43.77 -31.10
C GLN B 27 -19.03 -44.49 -32.44
N ASN B 28 -18.16 -45.45 -32.73
CA ASN B 28 -18.28 -46.28 -33.93
C ASN B 28 -17.85 -47.70 -33.57
N GLU B 29 -17.72 -48.55 -34.60
CA GLU B 29 -17.36 -49.93 -34.35
C GLU B 29 -15.96 -50.08 -33.77
N GLN B 30 -15.08 -49.11 -33.97
CA GLN B 30 -13.72 -49.18 -33.47
C GLN B 30 -13.60 -48.75 -32.01
N GLY B 31 -14.64 -48.17 -31.41
CA GLY B 31 -14.62 -47.80 -30.02
C GLY B 31 -15.15 -46.40 -29.81
N SER B 32 -14.85 -45.84 -28.64
CA SER B 32 -15.33 -44.53 -28.24
C SER B 32 -14.21 -43.78 -27.54
N GLY B 33 -14.36 -42.46 -27.47
CA GLY B 33 -13.36 -41.64 -26.80
C GLY B 33 -13.70 -40.17 -26.91
N TYR B 34 -12.99 -39.38 -26.10
CA TYR B 34 -13.10 -37.94 -26.10
C TYR B 34 -11.89 -37.33 -26.80
N ALA B 35 -12.14 -36.29 -27.61
CA ALA B 35 -11.08 -35.59 -28.32
C ALA B 35 -11.36 -34.10 -28.25
N ALA B 36 -10.47 -33.36 -27.60
CA ALA B 36 -10.63 -31.92 -27.49
C ALA B 36 -10.27 -31.23 -28.79
N ASP B 37 -11.00 -30.17 -29.12
CA ASP B 37 -10.68 -29.36 -30.29
C ASP B 37 -9.58 -28.38 -29.89
N GLN B 38 -8.34 -28.69 -30.30
CA GLN B 38 -7.20 -27.90 -29.87
C GLN B 38 -7.23 -26.49 -30.43
N LYS B 39 -7.76 -26.31 -31.64
CA LYS B 39 -7.77 -24.99 -32.25
C LYS B 39 -8.62 -24.02 -31.44
N SER B 40 -9.87 -24.39 -31.14
CA SER B 40 -10.76 -23.49 -30.42
C SER B 40 -10.31 -23.30 -28.98
N THR B 41 -9.86 -24.37 -28.33
CA THR B 41 -9.42 -24.26 -26.94
C THR B 41 -8.22 -23.33 -26.82
N GLN B 42 -7.22 -23.50 -27.69
CA GLN B 42 -6.03 -22.66 -27.63
C GLN B 42 -6.38 -21.20 -27.94
N ASN B 43 -7.26 -20.97 -28.92
CA ASN B 43 -7.68 -19.61 -29.23
C ASN B 43 -8.41 -18.97 -28.05
N ALA B 44 -9.27 -19.74 -27.39
CA ALA B 44 -9.97 -19.21 -26.21
C ALA B 44 -8.97 -18.93 -25.09
N ILE B 45 -7.99 -19.81 -24.88
CA ILE B 45 -7.01 -19.60 -23.83
C ILE B 45 -6.26 -18.29 -24.07
N ASN B 46 -5.84 -18.05 -25.31
CA ASN B 46 -5.14 -16.81 -25.64
C ASN B 46 -6.03 -15.60 -25.37
N GLY B 47 -7.30 -15.67 -25.74
CA GLY B 47 -8.20 -14.55 -25.49
C GLY B 47 -8.41 -14.29 -24.00
N ILE B 48 -8.65 -15.36 -23.23
CA ILE B 48 -8.91 -15.20 -21.81
C ILE B 48 -7.67 -14.71 -21.08
N THR B 49 -6.50 -15.27 -21.41
CA THR B 49 -5.25 -14.79 -20.82
C THR B 49 -5.02 -13.33 -21.17
N ASN B 50 -5.43 -12.92 -22.37
CA ASN B 50 -5.42 -11.51 -22.74
C ASN B 50 -6.29 -10.70 -21.79
N LYS B 51 -7.50 -11.18 -21.50
CA LYS B 51 -8.44 -10.40 -20.70
C LYS B 51 -7.91 -10.19 -19.28
N VAL B 52 -7.39 -11.25 -18.65
CA VAL B 52 -6.90 -11.14 -17.28
C VAL B 52 -5.70 -10.21 -17.22
N ASN B 53 -4.79 -10.31 -18.20
CA ASN B 53 -3.63 -9.44 -18.22
C ASN B 53 -4.04 -7.98 -18.42
N THR B 54 -5.06 -7.74 -19.25
CA THR B 54 -5.52 -6.37 -19.47
C THR B 54 -6.08 -5.77 -18.19
N VAL B 55 -6.83 -6.55 -17.42
CA VAL B 55 -7.37 -6.06 -16.14
C VAL B 55 -6.23 -5.71 -15.19
N ILE B 56 -5.20 -6.56 -15.12
CA ILE B 56 -4.09 -6.28 -14.21
C ILE B 56 -3.28 -5.10 -14.71
N GLU B 57 -3.01 -5.03 -16.01
CA GLU B 57 -2.21 -3.93 -16.55
C GLU B 57 -2.92 -2.59 -16.40
N LYS B 58 -4.25 -2.58 -16.47
CA LYS B 58 -4.99 -1.32 -16.37
C LYS B 58 -4.93 -0.72 -14.97
N MET B 59 -4.67 -1.53 -13.95
CA MET B 59 -4.50 -1.04 -12.60
C MET B 59 -3.01 -0.78 -12.36
N ASN B 60 -2.65 0.49 -12.23
CA ASN B 60 -1.27 0.83 -11.93
C ASN B 60 -0.91 0.34 -10.53
N ILE B 61 0.39 0.18 -10.29
CA ILE B 61 0.87 -0.17 -8.96
C ILE B 61 0.61 0.99 -8.01
N GLN B 62 0.16 0.67 -6.81
CA GLN B 62 -0.02 1.68 -5.76
C GLN B 62 1.32 1.92 -5.08
N PHE B 63 1.92 3.08 -5.32
CA PHE B 63 3.15 3.46 -4.64
C PHE B 63 2.79 4.00 -3.26
N THR B 64 3.81 4.45 -2.52
CA THR B 64 3.63 4.78 -1.11
C THR B 64 2.53 5.81 -0.91
N ALA B 65 1.61 5.52 0.03
CA ALA B 65 0.49 6.39 0.32
C ALA B 65 0.15 6.22 1.79
N VAL B 66 0.58 7.18 2.61
CA VAL B 66 0.35 7.16 4.04
C VAL B 66 -0.53 8.35 4.42
N GLY B 67 -0.94 8.38 5.69
CA GLY B 67 -1.79 9.45 6.18
C GLY B 67 -1.01 10.70 6.51
N LYS B 68 -1.76 11.69 6.99
CA LYS B 68 -1.19 12.97 7.42
C LYS B 68 -1.70 13.29 8.82
N GLU B 69 -1.03 14.23 9.47
CA GLU B 69 -1.42 14.68 10.79
C GLU B 69 -1.81 16.15 10.74
N PHE B 70 -2.80 16.51 11.55
CA PHE B 70 -3.31 17.87 11.61
C PHE B 70 -3.53 18.25 13.07
N ASN B 71 -3.30 19.52 13.40
CA ASN B 71 -3.49 19.96 14.77
C ASN B 71 -4.97 20.30 15.00
N LYS B 72 -5.29 20.71 16.23
CA LYS B 72 -6.67 20.94 16.62
C LYS B 72 -7.32 22.11 15.87
N LEU B 73 -6.53 22.97 15.22
CA LEU B 73 -7.08 24.10 14.48
C LEU B 73 -7.04 23.87 12.97
N GLU B 74 -6.95 22.61 12.52
CA GLU B 74 -6.94 22.29 11.10
C GLU B 74 -7.98 21.25 10.78
N LYS B 75 -9.15 21.34 11.44
CA LYS B 75 -10.18 20.33 11.27
C LYS B 75 -10.72 20.32 9.84
N ARG B 76 -10.92 21.50 9.24
CA ARG B 76 -11.42 21.57 7.87
C ARG B 76 -10.47 20.86 6.91
N MET B 77 -9.17 21.13 7.05
CA MET B 77 -8.19 20.47 6.19
C MET B 77 -8.15 18.97 6.45
N GLU B 78 -8.27 18.56 7.72
CA GLU B 78 -8.31 17.13 8.04
C GLU B 78 -9.52 16.46 7.40
N ASN B 79 -10.68 17.12 7.44
CA ASN B 79 -11.88 16.54 6.83
C ASN B 79 -11.81 16.55 5.31
N LEU B 80 -11.12 17.54 4.73
CA LEU B 80 -10.89 17.53 3.30
C LEU B 80 -9.98 16.37 2.89
N ASN B 81 -8.94 16.10 3.68
CA ASN B 81 -8.08 14.96 3.40
C ASN B 81 -8.85 13.65 3.52
N LYS B 82 -9.74 13.55 4.51
CA LYS B 82 -10.55 12.35 4.66
C LYS B 82 -11.52 12.20 3.50
N LYS B 83 -12.12 13.32 3.05
CA LYS B 83 -13.06 13.26 1.94
C LYS B 83 -12.38 12.81 0.64
N VAL B 84 -11.15 13.26 0.42
CA VAL B 84 -10.39 12.83 -0.76
C VAL B 84 -10.09 11.34 -0.67
N ASP B 85 -9.60 10.88 0.49
CA ASP B 85 -9.24 9.48 0.63
C ASP B 85 -10.47 8.57 0.52
N ASP B 86 -11.57 8.94 1.16
CA ASP B 86 -12.79 8.14 1.09
C ASP B 86 -13.37 8.15 -0.32
N GLY B 87 -13.35 9.31 -0.98
CA GLY B 87 -13.92 9.39 -2.31
C GLY B 87 -13.19 8.55 -3.33
N PHE B 88 -11.85 8.58 -3.30
CA PHE B 88 -11.07 7.74 -4.20
C PHE B 88 -11.29 6.26 -3.92
N LEU B 89 -11.38 5.90 -2.63
CA LEU B 89 -11.63 4.51 -2.27
C LEU B 89 -13.01 4.06 -2.75
N ASP B 90 -14.00 4.95 -2.68
CA ASP B 90 -15.33 4.62 -3.18
C ASP B 90 -15.30 4.30 -4.68
N ILE B 91 -14.56 5.10 -5.44
CA ILE B 91 -14.55 4.94 -6.90
C ILE B 91 -13.80 3.67 -7.30
N TRP B 92 -12.63 3.45 -6.71
CA TRP B 92 -11.85 2.27 -7.10
C TRP B 92 -12.55 0.98 -6.69
N THR B 93 -13.16 0.95 -5.50
CA THR B 93 -13.95 -0.22 -5.14
C THR B 93 -15.10 -0.42 -6.11
N TYR B 94 -15.75 0.68 -6.50
CA TYR B 94 -16.82 0.62 -7.50
C TYR B 94 -16.30 0.09 -8.83
N ASN B 95 -15.19 0.65 -9.33
CA ASN B 95 -14.67 0.25 -10.62
C ASN B 95 -14.24 -1.22 -10.61
N ALA B 96 -13.63 -1.68 -9.52
CA ALA B 96 -13.09 -3.04 -9.48
C ALA B 96 -14.20 -4.07 -9.46
N GLU B 97 -15.21 -3.89 -8.60
CA GLU B 97 -16.29 -4.86 -8.51
C GLU B 97 -17.10 -4.92 -9.80
N LEU B 98 -17.38 -3.76 -10.41
CA LEU B 98 -18.18 -3.75 -11.63
C LEU B 98 -17.42 -4.35 -12.81
N LEU B 99 -16.12 -4.06 -12.92
CA LEU B 99 -15.34 -4.62 -14.02
C LEU B 99 -15.34 -6.14 -13.98
N VAL B 100 -15.17 -6.72 -12.79
CA VAL B 100 -15.18 -8.17 -12.66
C VAL B 100 -16.55 -8.74 -13.03
N LEU B 101 -17.62 -8.12 -12.52
CA LEU B 101 -18.96 -8.60 -12.84
C LEU B 101 -19.23 -8.53 -14.34
N LEU B 102 -18.88 -7.40 -14.97
CA LEU B 102 -19.13 -7.23 -16.40
C LEU B 102 -18.31 -8.21 -17.23
N GLU B 103 -17.03 -8.40 -16.89
CA GLU B 103 -16.19 -9.29 -17.67
C GLU B 103 -16.54 -10.76 -17.43
N ASN B 104 -16.95 -11.09 -16.20
CA ASN B 104 -17.40 -12.44 -15.91
C ASN B 104 -18.60 -12.82 -16.79
N GLU B 105 -19.56 -11.91 -16.94
CA GLU B 105 -20.71 -12.18 -17.80
C GLU B 105 -20.28 -12.39 -19.24
N ARG B 106 -19.35 -11.55 -19.74
CA ARG B 106 -18.88 -11.69 -21.12
C ARG B 106 -18.08 -12.98 -21.30
N THR B 107 -17.29 -13.37 -20.30
CA THR B 107 -16.48 -14.57 -20.40
C THR B 107 -17.35 -15.82 -20.55
N LEU B 108 -18.42 -15.93 -19.76
CA LEU B 108 -19.33 -17.06 -19.89
C LEU B 108 -20.03 -17.06 -21.24
N ASP B 109 -20.45 -15.88 -21.72
CA ASP B 109 -21.03 -15.77 -23.05
C ASP B 109 -20.02 -16.10 -24.14
N PHE B 110 -18.74 -15.74 -23.93
CA PHE B 110 -17.70 -16.10 -24.89
C PHE B 110 -17.56 -17.62 -25.03
N HIS B 111 -17.56 -18.34 -23.90
CA HIS B 111 -17.48 -19.80 -23.96
C HIS B 111 -18.72 -20.40 -24.60
N ASP B 112 -19.90 -19.84 -24.29
CA ASP B 112 -21.12 -20.30 -24.92
C ASP B 112 -21.05 -20.16 -26.45
N SER B 113 -20.51 -19.03 -26.91
CA SER B 113 -20.38 -18.80 -28.35
C SER B 113 -19.47 -19.83 -29.01
N ASN B 114 -18.35 -20.16 -28.36
CA ASN B 114 -17.41 -21.10 -28.96
C ASN B 114 -18.03 -22.48 -29.15
N VAL B 115 -18.80 -22.93 -28.16
CA VAL B 115 -19.48 -24.23 -28.27
C VAL B 115 -20.50 -24.21 -29.41
N LYS B 116 -21.29 -23.13 -29.49
CA LYS B 116 -22.29 -23.04 -30.55
C LYS B 116 -21.63 -23.01 -31.93
N ASN B 117 -20.60 -22.19 -32.09
CA ASN B 117 -19.90 -22.11 -33.38
C ASN B 117 -19.29 -23.45 -33.75
N LEU B 118 -18.71 -24.14 -32.76
CA LEU B 118 -18.16 -25.47 -33.01
C LEU B 118 -19.26 -26.45 -33.43
N TYR B 119 -20.42 -26.36 -32.77
CA TYR B 119 -21.54 -27.22 -33.15
C TYR B 119 -22.01 -26.92 -34.57
N GLU B 120 -22.10 -25.64 -34.94
CA GLU B 120 -22.58 -25.30 -36.27
C GLU B 120 -21.59 -25.69 -37.35
N LYS B 121 -20.29 -25.69 -37.03
CA LYS B 121 -19.28 -26.11 -37.99
C LYS B 121 -19.45 -27.59 -38.37
N VAL B 122 -19.71 -28.44 -37.38
CA VAL B 122 -19.96 -29.85 -37.66
C VAL B 122 -21.27 -30.03 -38.41
N LYS B 123 -22.32 -29.32 -37.99
CA LYS B 123 -23.62 -29.46 -38.63
C LYS B 123 -23.57 -29.04 -40.09
N SER B 124 -22.87 -27.94 -40.39
CA SER B 124 -22.72 -27.50 -41.77
C SER B 124 -21.90 -28.47 -42.62
N GLN B 125 -21.05 -29.28 -41.99
CA GLN B 125 -20.27 -30.26 -42.74
C GLN B 125 -21.09 -31.50 -43.06
N LEU B 126 -21.77 -32.06 -42.05
CA LEU B 126 -22.48 -33.32 -42.24
C LEU B 126 -23.70 -33.16 -43.14
N LYS B 127 -24.35 -31.99 -43.09
CA LYS B 127 -25.56 -31.73 -43.87
C LYS B 127 -26.60 -32.80 -43.63
N ASN B 128 -27.07 -33.46 -44.68
CA ASN B 128 -28.08 -34.51 -44.56
C ASN B 128 -27.49 -35.92 -44.47
N ASN B 129 -26.16 -36.03 -44.42
CA ASN B 129 -25.53 -37.34 -44.21
C ASN B 129 -25.70 -37.86 -42.79
N ALA B 130 -26.18 -37.02 -41.87
CA ALA B 130 -26.45 -37.40 -40.49
C ALA B 130 -27.70 -36.67 -40.04
N LYS B 131 -28.20 -37.04 -38.86
CA LYS B 131 -29.40 -36.43 -38.31
C LYS B 131 -29.13 -35.91 -36.91
N GLU B 132 -29.75 -34.79 -36.57
CA GLU B 132 -29.65 -34.18 -35.25
C GLU B 132 -30.52 -34.98 -34.29
N ILE B 133 -29.89 -35.66 -33.33
CA ILE B 133 -30.61 -36.46 -32.34
C ILE B 133 -30.75 -35.71 -31.01
N GLY B 134 -30.40 -34.44 -30.98
CA GLY B 134 -30.49 -33.64 -29.77
C GLY B 134 -29.27 -33.79 -28.87
N ASN B 135 -29.24 -32.96 -27.83
CA ASN B 135 -28.14 -32.91 -26.87
C ASN B 135 -26.79 -32.65 -27.54
N GLY B 136 -26.81 -32.05 -28.73
CA GLY B 136 -25.58 -31.78 -29.44
C GLY B 136 -24.93 -32.98 -30.10
N CYS B 137 -25.71 -34.01 -30.41
CA CYS B 137 -25.17 -35.23 -31.00
C CYS B 137 -25.74 -35.47 -32.39
N PHE B 138 -24.92 -36.06 -33.25
CA PHE B 138 -25.30 -36.41 -34.62
C PHE B 138 -25.18 -37.92 -34.80
N GLU B 139 -26.20 -38.53 -35.38
CA GLU B 139 -26.16 -39.95 -35.73
C GLU B 139 -25.97 -40.08 -37.24
N PHE B 140 -24.87 -40.69 -37.64
CA PHE B 140 -24.55 -40.82 -39.06
C PHE B 140 -25.50 -41.81 -39.74
N TYR B 141 -25.81 -41.51 -41.00
CA TYR B 141 -26.56 -42.42 -41.86
C TYR B 141 -25.64 -43.38 -42.62
N HIS B 142 -24.35 -43.35 -42.33
CA HIS B 142 -23.37 -44.22 -42.97
C HIS B 142 -22.34 -44.63 -41.94
N LYS B 143 -21.56 -45.66 -42.28
CA LYS B 143 -20.45 -46.06 -41.43
C LYS B 143 -19.39 -44.96 -41.44
N CYS B 144 -18.94 -44.58 -40.25
CA CYS B 144 -17.94 -43.51 -40.10
C CYS B 144 -16.83 -44.04 -39.19
N ASP B 145 -15.70 -44.40 -39.79
CA ASP B 145 -14.58 -44.98 -39.05
C ASP B 145 -13.74 -43.86 -38.42
N ASN B 146 -12.61 -44.22 -37.83
CA ASN B 146 -11.78 -43.25 -37.13
C ASN B 146 -11.25 -42.18 -38.10
N GLU B 147 -10.86 -42.59 -39.31
CA GLU B 147 -10.44 -41.61 -40.31
C GLU B 147 -11.58 -40.68 -40.69
N CYS B 148 -12.80 -41.22 -40.82
CA CYS B 148 -13.95 -40.38 -41.11
C CYS B 148 -14.24 -39.41 -39.97
N MET B 149 -14.12 -39.89 -38.73
CA MET B 149 -14.33 -39.02 -37.58
C MET B 149 -13.29 -37.91 -37.53
N GLU B 150 -12.03 -38.25 -37.81
CA GLU B 150 -10.98 -37.24 -37.83
C GLU B 150 -11.25 -36.17 -38.88
N SER B 151 -11.86 -36.54 -40.00
CA SER B 151 -12.16 -35.55 -41.04
C SER B 151 -13.16 -34.52 -40.54
N VAL B 152 -14.16 -34.95 -39.76
CA VAL B 152 -15.11 -34.01 -39.18
C VAL B 152 -14.42 -33.09 -38.18
N ARG B 153 -13.55 -33.65 -37.33
CA ARG B 153 -12.92 -32.87 -36.28
C ARG B 153 -12.01 -31.77 -36.83
N ASN B 154 -11.35 -32.02 -37.96
CA ASN B 154 -10.42 -31.03 -38.51
C ASN B 154 -11.00 -30.32 -39.73
N GLY B 155 -12.30 -30.45 -39.99
CA GLY B 155 -12.96 -29.66 -41.00
C GLY B 155 -12.80 -30.12 -42.43
N THR B 156 -12.39 -31.36 -42.67
CA THR B 156 -12.19 -31.89 -44.00
C THR B 156 -13.11 -33.08 -44.27
N TYR B 157 -14.37 -32.99 -43.84
CA TYR B 157 -15.31 -34.08 -44.06
C TYR B 157 -15.72 -34.13 -45.53
N ASP B 158 -15.63 -35.32 -46.12
CA ASP B 158 -15.93 -35.54 -47.54
C ASP B 158 -17.41 -35.92 -47.68
N TYR B 159 -18.25 -34.91 -47.86
CA TYR B 159 -19.68 -35.16 -47.99
C TYR B 159 -20.04 -36.01 -49.21
N PRO B 160 -19.55 -35.75 -50.42
CA PRO B 160 -19.93 -36.60 -51.56
C PRO B 160 -19.53 -38.06 -51.40
N LYS B 161 -18.47 -38.34 -50.63
CA LYS B 161 -17.99 -39.70 -50.47
C LYS B 161 -19.07 -40.61 -49.88
N TYR B 162 -19.97 -40.06 -49.07
CA TYR B 162 -20.96 -40.86 -48.35
C TYR B 162 -22.39 -40.51 -48.71
N SER B 163 -22.61 -39.67 -49.72
CA SER B 163 -23.96 -39.20 -50.03
C SER B 163 -24.87 -40.36 -50.47
N GLU B 164 -24.36 -41.24 -51.32
CA GLU B 164 -25.18 -42.35 -51.82
C GLU B 164 -25.59 -43.28 -50.69
N GLU B 165 -24.62 -43.69 -49.87
CA GLU B 165 -24.91 -44.59 -48.76
C GLU B 165 -25.86 -43.94 -47.75
N SER B 166 -25.63 -42.64 -47.46
CA SER B 166 -26.50 -41.94 -46.51
C SER B 166 -27.92 -41.85 -47.04
N LYS B 167 -28.08 -41.54 -48.33
CA LYS B 167 -29.42 -41.43 -48.90
C LYS B 167 -30.17 -42.76 -48.83
N LEU B 168 -29.46 -43.86 -49.08
CA LEU B 168 -30.08 -45.18 -49.00
C LEU B 168 -30.62 -45.45 -47.59
N ASN B 169 -29.79 -45.23 -46.57
CA ASN B 169 -30.22 -45.49 -45.20
C ASN B 169 -31.20 -44.43 -44.72
N ARG B 170 -31.10 -43.20 -45.24
CA ARG B 170 -32.10 -42.19 -44.94
C ARG B 170 -33.47 -42.56 -45.49
N GLU B 171 -33.51 -43.42 -46.51
CA GLU B 171 -34.74 -43.92 -47.16
C GLU B 171 -35.84 -42.88 -47.28
C1 NAG C . -23.43 -20.79 -3.62
C2 NAG C . -24.74 -21.34 -3.11
C3 NAG C . -24.47 -22.65 -2.37
C4 NAG C . -23.72 -23.62 -3.28
C5 NAG C . -22.54 -22.95 -4.01
C6 NAG C . -21.98 -23.80 -5.14
C7 NAG C . -24.96 -19.82 -1.15
C8 NAG C . -25.88 -18.87 -0.45
N2 NAG C . -25.45 -20.40 -2.25
O3 NAG C . -25.70 -23.23 -1.95
O4 NAG C . -23.16 -24.67 -2.49
O5 NAG C . -22.89 -21.67 -4.60
O6 NAG C . -22.87 -24.87 -5.47
O7 NAG C . -23.82 -20.04 -0.76
C1 NAG C . -23.92 -25.90 -2.31
C2 NAG C . -23.01 -26.86 -1.51
C3 NAG C . -23.77 -28.14 -1.15
C4 NAG C . -25.03 -27.77 -0.38
C5 NAG C . -25.91 -26.93 -1.29
C6 NAG C . -27.21 -26.50 -0.64
C7 NAG C . -20.59 -26.71 -1.90
C8 NAG C . -20.55 -25.85 -0.68
N2 NAG C . -21.80 -27.17 -2.25
O3 NAG C . -22.94 -28.99 -0.36
O4 NAG C . -25.68 -28.89 0.23
O5 NAG C . -25.21 -25.72 -1.63
O6 NAG C . -27.00 -25.56 0.40
O7 NAG C . -19.59 -26.99 -2.54
C1 BMA C . -26.27 -29.93 -0.56
C2 BMA C . -25.43 -31.23 -0.30
C3 BMA C . -26.25 -32.51 -0.45
C4 BMA C . -27.60 -32.38 0.23
C5 BMA C . -28.35 -31.25 -0.45
C6 BMA C . -29.78 -31.11 0.09
O2 BMA C . -24.91 -31.26 1.02
O3 BMA C . -25.55 -33.64 0.06
O4 BMA C . -28.33 -33.60 0.12
O5 BMA C . -27.65 -30.02 -0.19
O6 BMA C . -29.91 -31.88 1.28
C1 A1ADC D . -7.36 -21.23 -17.31
C10 A1ADC D . -1.27 -13.24 -14.51
C11 A1ADC D . -2.00 -13.57 -15.77
C12 A1ADC D . -5.52 -18.66 -15.24
C13 A1ADC D . -6.21 -19.79 -15.62
C14 A1ADC D . -7.27 -23.64 -17.77
C15 A1ADC D . -5.24 -22.31 -18.07
C16 A1ADC D . -5.11 -22.92 -19.44
C17 A1ADC D . -7.09 -24.19 -19.18
C18 A1ADC D . -7.65 -25.59 -19.31
C19 A1ADC D . -8.55 -25.89 -20.32
C2 A1ADC D . -6.60 -19.98 -16.94
C20 A1ADC D . -9.08 -27.17 -20.44
C21 A1ADC D . -8.71 -28.16 -19.55
C22 A1ADC D . -7.81 -27.86 -18.54
C23 A1ADC D . -7.29 -26.59 -18.43
C3 A1ADC D . -6.29 -18.99 -17.87
C4 A1ADC D . -5.60 -17.84 -17.50
C5 A1ADC D . -5.21 -17.68 -16.17
C6 A1ADC D . -2.67 -15.12 -14.05
C7 A1ADC D . -2.26 -13.77 -13.45
C8 A1ADC D . -1.49 -12.38 -11.57
C9 A1ADC D . -2.85 -14.35 -11.12
F1 A1ADC D . -2.60 -16.83 -17.34
N1 A1ADC D . -4.52 -16.56 -15.72
N2 A1ADC D . -2.44 -14.96 -15.50
N3 A1ADC D . -1.90 -13.71 -12.03
N4 A1ADC D . -6.66 -22.31 -17.69
O1 A1ADC D . -8.59 -21.23 -17.23
O2 A1ADC D . -4.00 -14.82 -17.47
O3 A1ADC D . -5.70 -24.22 -19.51
S1 A1ADC D . -3.40 -15.74 -16.55
CL1 A1ADC D . -6.75 -19.14 -19.54
C1 NAG E . -7.76 -34.11 -41.46
C2 NAG E . -6.35 -33.87 -42.04
C3 NAG E . -6.11 -34.80 -43.22
C4 NAG E . -6.38 -36.24 -42.83
C5 NAG E . -7.78 -36.38 -42.23
C6 NAG E . -8.07 -37.77 -41.73
C7 NAG E . -5.57 -31.59 -41.65
C8 NAG E . -5.48 -30.19 -42.21
N2 NAG E . -6.18 -32.48 -42.42
O3 NAG E . -4.76 -34.65 -43.65
O4 NAG E . -6.27 -37.09 -43.97
O5 NAG E . -7.92 -35.49 -41.12
O6 NAG E . -9.35 -38.22 -42.19
O7 NAG E . -5.09 -31.88 -40.57
#